data_6PK6
#
_entry.id   6PK6
#
_cell.length_a   69.132
_cell.length_b   69.132
_cell.length_c   104.533
_cell.angle_alpha   90.000
_cell.angle_beta   90.000
_cell.angle_gamma   90.000
#
_symmetry.space_group_name_H-M   'P 41'
#
loop_
_entity.id
_entity.type
_entity.pdbx_description
1 polymer 'Serine/threonine-protein kinase PRP4 homolog'
2 non-polymer 'SULFATE ION'
3 non-polymer 4-(5-{[(2-aminophenyl)methyl]carbamoyl}thiophen-2-yl)-1-benzothiophene-2-carboxamide
4 water water
#
_entity_poly.entity_id   1
_entity_poly.type   'polypeptide(L)'
_entity_poly.pdbx_seq_one_letter_code
;SMDFKENPNLRDNWTDAEGYYRVNIGEVLDKRYNVYGYTGQGVFSNVVRARDNARANQEVAVKIIRNNELMQKTGLKELE
FLKKLNDADPDDKFHCLRLFRHFYHKQHLCLVFEPLSMNLREVLKKYGKDVGLHIKAVRSYSQQLFLALKLLKRCNILHA
DIKPDNILVNESKTILKLCDFGSASHVADNDITP(PTR)LVSRFYRAPEIIIGKSYDYGIDMWSVGCTLYELYTGKILFP
GKTNNHMLKLAMDLKGKMPNKMIRKGVFKDQHFDQNLNFMYIEVDKVTEREKVTVMSTINPTKDLLADLIGCQRLPEDQR
KKVHQLKDLLDQILMLDPAKRISINQALQHAFIQE
;
_entity_poly.pdbx_strand_id   A
#
loop_
_chem_comp.id
_chem_comp.type
_chem_comp.name
_chem_comp.formula
OND non-polymer 4-(5-{[(2-aminophenyl)methyl]carbamoyl}thiophen-2-yl)-1-benzothiophene-2-carboxamide 'C21 H17 N3 O2 S2'
SO4 non-polymer 'SULFATE ION' 'O4 S -2'
#
# COMPACT_ATOMS: atom_id res chain seq x y z
N TRP A 14 -25.14 -18.53 11.14
CA TRP A 14 -24.05 -17.61 11.56
C TRP A 14 -23.17 -17.23 10.36
N THR A 15 -23.04 -18.13 9.38
CA THR A 15 -22.16 -17.99 8.20
C THR A 15 -23.01 -18.07 6.91
N ASP A 16 -22.80 -17.13 5.98
CA ASP A 16 -23.53 -17.10 4.68
C ASP A 16 -22.82 -18.05 3.71
N ALA A 17 -23.39 -18.25 2.52
CA ALA A 17 -22.96 -19.20 1.48
C ALA A 17 -21.49 -18.98 1.11
N GLU A 18 -21.01 -17.73 1.16
CA GLU A 18 -19.64 -17.35 0.72
C GLU A 18 -18.67 -17.40 1.90
N GLY A 19 -19.16 -17.73 3.10
CA GLY A 19 -18.31 -18.01 4.28
C GLY A 19 -18.11 -16.79 5.16
N TYR A 20 -18.81 -15.67 4.90
CA TYR A 20 -18.75 -14.45 5.74
C TYR A 20 -19.64 -14.66 6.98
N TYR A 21 -19.19 -14.19 8.14
CA TYR A 21 -20.01 -14.17 9.37
C TYR A 21 -21.17 -13.19 9.18
N ARG A 22 -22.38 -13.63 9.49
CA ARG A 22 -23.64 -12.84 9.37
C ARG A 22 -23.68 -11.85 10.54
N VAL A 23 -22.95 -10.74 10.42
CA VAL A 23 -22.88 -9.65 11.44
C VAL A 23 -24.30 -9.12 11.68
N ASN A 24 -24.72 -9.07 12.95
CA ASN A 24 -25.94 -8.39 13.42
C ASN A 24 -25.50 -7.27 14.36
N ILE A 25 -25.83 -6.02 14.05
CA ILE A 25 -25.54 -4.86 14.94
C ILE A 25 -26.34 -5.06 16.23
N GLY A 26 -25.71 -4.84 17.38
CA GLY A 26 -26.32 -5.07 18.71
C GLY A 26 -25.95 -6.41 19.31
N GLU A 27 -25.25 -7.28 18.58
CA GLU A 27 -24.86 -8.62 19.10
C GLU A 27 -23.54 -8.50 19.90
N VAL A 28 -23.29 -9.49 20.76
CA VAL A 28 -22.03 -9.60 21.55
C VAL A 28 -21.21 -10.77 21.00
N LEU A 29 -19.92 -10.53 20.73
CA LEU A 29 -18.94 -11.57 20.30
C LEU A 29 -18.08 -11.96 21.50
N ASP A 30 -17.83 -13.26 21.67
CA ASP A 30 -16.88 -13.80 22.68
C ASP A 30 -17.33 -13.37 24.08
N LYS A 31 -18.64 -13.19 24.30
CA LYS A 31 -19.27 -12.79 25.58
C LYS A 31 -18.63 -11.50 26.14
N ARG A 32 -18.13 -10.59 25.29
CA ARG A 32 -17.48 -9.35 25.79
C ARG A 32 -17.49 -8.20 24.77
N TYR A 33 -17.53 -8.45 23.46
CA TYR A 33 -17.45 -7.35 22.46
C TYR A 33 -18.86 -6.99 21.98
N ASN A 34 -19.30 -5.80 22.37
CA ASN A 34 -20.64 -5.23 22.09
C ASN A 34 -20.57 -4.57 20.70
N VAL A 35 -21.10 -5.24 19.67
CA VAL A 35 -21.00 -4.75 18.26
C VAL A 35 -22.05 -3.67 18.05
N TYR A 36 -21.63 -2.44 17.73
CA TYR A 36 -22.51 -1.26 17.56
C TYR A 36 -22.40 -0.66 16.15
N GLY A 37 -21.33 -0.98 15.41
CA GLY A 37 -21.04 -0.37 14.10
C GLY A 37 -20.53 -1.38 13.09
N TYR A 38 -20.82 -1.14 11.79
CA TYR A 38 -20.32 -1.92 10.65
C TYR A 38 -19.32 -1.05 9.87
N THR A 39 -18.11 -1.57 9.65
CA THR A 39 -16.96 -0.79 9.12
C THR A 39 -16.71 -1.15 7.64
N GLY A 40 -16.92 -2.42 7.27
CA GLY A 40 -16.84 -2.83 5.86
C GLY A 40 -16.62 -4.31 5.69
N GLN A 41 -16.52 -4.73 4.42
CA GLN A 41 -16.28 -6.13 3.99
C GLN A 41 -15.26 -6.11 2.84
N GLY A 42 -14.21 -6.92 2.97
CA GLY A 42 -13.21 -7.17 1.91
C GLY A 42 -13.35 -8.58 1.36
N VAL A 43 -12.33 -9.05 0.65
CA VAL A 43 -12.27 -10.42 0.06
C VAL A 43 -12.14 -11.45 1.18
N PHE A 44 -11.42 -11.13 2.26
CA PHE A 44 -10.94 -12.09 3.29
C PHE A 44 -11.71 -11.99 4.61
N SER A 45 -12.52 -10.95 4.80
CA SER A 45 -13.13 -10.65 6.13
C SER A 45 -14.22 -9.59 6.02
N ASN A 46 -14.98 -9.41 7.10
CA ASN A 46 -15.73 -8.17 7.40
C ASN A 46 -15.21 -7.63 8.73
N VAL A 47 -15.43 -6.35 8.97
CA VAL A 47 -14.87 -5.59 10.14
C VAL A 47 -16.01 -4.82 10.79
N VAL A 48 -16.11 -4.92 12.11
CA VAL A 48 -17.15 -4.21 12.92
C VAL A 48 -16.44 -3.31 13.93
N ARG A 49 -17.18 -2.33 14.45
CA ARG A 49 -16.81 -1.53 15.62
C ARG A 49 -17.56 -2.10 16.83
N ALA A 50 -16.85 -2.25 17.94
CA ALA A 50 -17.40 -2.81 19.20
C ALA A 50 -16.79 -2.07 20.39
N ARG A 51 -17.40 -2.26 21.56
CA ARG A 51 -16.88 -1.80 22.86
C ARG A 51 -16.59 -3.04 23.71
N ASP A 52 -15.49 -3.00 24.45
CA ASP A 52 -15.01 -4.13 25.26
C ASP A 52 -15.67 -4.07 26.64
N ASN A 53 -16.70 -4.90 26.84
CA ASN A 53 -17.43 -5.06 28.14
C ASN A 53 -16.43 -5.31 29.29
N ALA A 54 -15.30 -5.96 29.01
CA ALA A 54 -14.31 -6.40 30.02
C ALA A 54 -13.30 -5.29 30.34
N ARG A 55 -13.20 -4.24 29.51
CA ARG A 55 -12.16 -3.18 29.62
C ARG A 55 -12.81 -1.79 29.55
N ALA A 56 -13.66 -1.46 30.51
CA ALA A 56 -14.30 -0.13 30.67
C ALA A 56 -14.91 0.32 29.34
N ASN A 57 -15.49 -0.61 28.57
CA ASN A 57 -16.19 -0.32 27.29
C ASN A 57 -15.23 0.32 26.28
N GLN A 58 -13.93 0.01 26.32
CA GLN A 58 -12.93 0.60 25.39
C GLN A 58 -13.36 0.28 23.95
N GLU A 59 -13.21 1.26 23.05
CA GLU A 59 -13.50 1.11 21.60
C GLU A 59 -12.50 0.14 21.00
N VAL A 60 -12.97 -0.84 20.22
CA VAL A 60 -12.10 -1.78 19.45
C VAL A 60 -12.67 -1.93 18.03
N ALA A 61 -11.83 -2.35 17.09
CA ALA A 61 -12.25 -2.90 15.78
C ALA A 61 -12.09 -4.41 15.84
N VAL A 62 -13.04 -5.16 15.29
CA VAL A 62 -12.97 -6.64 15.19
C VAL A 62 -13.06 -7.04 13.71
N LYS A 63 -11.99 -7.66 13.23
CA LYS A 63 -11.90 -8.24 11.88
C LYS A 63 -12.27 -9.72 11.98
N ILE A 64 -13.36 -10.12 11.31
CA ILE A 64 -13.91 -11.49 11.34
C ILE A 64 -13.54 -12.16 10.01
N ILE A 65 -12.55 -13.05 10.04
CA ILE A 65 -12.05 -13.77 8.83
C ILE A 65 -13.18 -14.68 8.31
N ARG A 66 -13.33 -14.79 6.98
CA ARG A 66 -14.28 -15.72 6.33
C ARG A 66 -13.98 -17.16 6.78
N ASN A 67 -15.02 -17.98 6.96
CA ASN A 67 -14.92 -19.40 7.42
C ASN A 67 -14.38 -20.24 6.25
N ASN A 68 -13.08 -20.11 5.98
CA ASN A 68 -12.37 -20.78 4.87
C ASN A 68 -10.96 -21.14 5.36
N GLU A 69 -10.55 -22.40 5.19
CA GLU A 69 -9.27 -22.95 5.70
C GLU A 69 -8.12 -22.00 5.30
N LEU A 70 -7.93 -21.79 3.99
CA LEU A 70 -6.84 -20.97 3.40
C LEU A 70 -6.84 -19.56 4.00
N MET A 71 -8.03 -18.94 4.10
CA MET A 71 -8.18 -17.54 4.57
C MET A 71 -7.97 -17.48 6.09
N GLN A 72 -8.42 -18.49 6.83
CA GLN A 72 -8.13 -18.64 8.29
C GLN A 72 -6.60 -18.69 8.47
N LYS A 73 -5.91 -19.49 7.65
CA LYS A 73 -4.43 -19.68 7.72
C LYS A 73 -3.72 -18.35 7.42
N THR A 74 -4.20 -17.58 6.45
CA THR A 74 -3.72 -16.20 6.16
C THR A 74 -3.87 -15.34 7.42
N GLY A 75 -5.00 -15.46 8.12
CA GLY A 75 -5.29 -14.76 9.39
C GLY A 75 -4.30 -15.12 10.48
N LEU A 76 -3.93 -16.40 10.60
CA LEU A 76 -2.96 -16.89 11.62
C LEU A 76 -1.55 -16.37 11.27
N LYS A 77 -1.22 -16.37 9.98
CA LYS A 77 0.04 -15.77 9.45
C LYS A 77 0.08 -14.30 9.87
N GLU A 78 -1.02 -13.57 9.70
CA GLU A 78 -1.11 -12.12 10.01
C GLU A 78 -0.87 -11.89 11.51
N LEU A 79 -1.42 -12.77 12.36
CA LEU A 79 -1.23 -12.72 13.84
C LEU A 79 0.27 -12.75 14.17
N GLU A 80 1.03 -13.65 13.54
CA GLU A 80 2.48 -13.82 13.72
C GLU A 80 3.20 -12.50 13.41
N PHE A 81 2.92 -11.87 12.27
CA PHE A 81 3.64 -10.64 11.83
C PHE A 81 3.25 -9.47 12.72
N LEU A 82 1.97 -9.37 13.09
CA LEU A 82 1.46 -8.30 13.99
C LEU A 82 2.14 -8.41 15.36
N LYS A 83 2.21 -9.63 15.90
CA LYS A 83 2.86 -9.91 17.21
C LYS A 83 4.32 -9.44 17.14
N LYS A 84 5.02 -9.75 16.04
CA LYS A 84 6.45 -9.41 15.87
C LYS A 84 6.60 -7.89 15.87
N LEU A 85 5.78 -7.19 15.08
CA LEU A 85 5.86 -5.71 14.90
C LEU A 85 5.42 -5.01 16.20
N ASN A 86 4.34 -5.48 16.82
CA ASN A 86 3.76 -4.88 18.05
C ASN A 86 4.74 -5.08 19.22
N ASP A 87 5.35 -6.27 19.35
CA ASP A 87 6.34 -6.61 20.40
C ASP A 87 7.62 -5.77 20.20
N ALA A 88 8.01 -5.50 18.96
CA ALA A 88 9.23 -4.75 18.59
C ALA A 88 9.02 -3.25 18.81
N ASP A 89 7.77 -2.81 18.99
CA ASP A 89 7.40 -1.38 19.13
C ASP A 89 6.45 -1.25 20.32
N PRO A 90 6.92 -1.54 21.55
CA PRO A 90 6.03 -1.54 22.72
C PRO A 90 5.41 -0.18 23.05
N ASP A 91 6.06 0.94 22.68
CA ASP A 91 5.54 2.31 22.90
C ASP A 91 4.67 2.77 21.71
N ASP A 92 4.55 1.96 20.65
CA ASP A 92 3.73 2.25 19.44
C ASP A 92 4.13 3.61 18.83
N LYS A 93 5.38 3.72 18.38
CA LYS A 93 5.95 4.95 17.80
C LYS A 93 5.94 4.92 16.27
N PHE A 94 5.84 3.73 15.65
CA PHE A 94 6.20 3.51 14.22
C PHE A 94 4.99 3.09 13.38
N HIS A 95 3.78 3.45 13.81
CA HIS A 95 2.58 3.59 12.94
C HIS A 95 2.20 2.26 12.27
N CYS A 96 2.30 1.15 13.01
CA CYS A 96 1.70 -0.15 12.61
C CYS A 96 0.50 -0.43 13.50
N LEU A 97 -0.57 -0.99 12.91
CA LEU A 97 -1.85 -1.29 13.62
C LEU A 97 -1.53 -2.18 14.83
N ARG A 98 -2.17 -1.87 15.98
CA ARG A 98 -2.03 -2.64 17.24
C ARG A 98 -3.10 -3.74 17.29
N LEU A 99 -2.67 -5.00 17.36
CA LEU A 99 -3.53 -6.17 17.66
C LEU A 99 -3.59 -6.30 19.18
N PHE A 100 -4.80 -6.34 19.76
CA PHE A 100 -5.01 -6.53 21.22
C PHE A 100 -4.99 -8.03 21.53
N ARG A 101 -5.80 -8.80 20.81
CA ARG A 101 -5.89 -10.28 20.99
C ARG A 101 -6.74 -10.86 19.85
N HIS A 102 -6.89 -12.18 19.85
CA HIS A 102 -7.74 -12.91 18.89
C HIS A 102 -8.64 -13.89 19.65
N PHE A 103 -9.72 -14.33 19.02
CA PHE A 103 -10.64 -15.36 19.54
C PHE A 103 -11.35 -16.03 18.37
N TYR A 104 -12.02 -17.15 18.65
CA TYR A 104 -12.89 -17.87 17.70
C TYR A 104 -14.34 -17.67 18.13
N HIS A 105 -15.20 -17.44 17.14
CA HIS A 105 -16.66 -17.23 17.32
C HIS A 105 -17.38 -17.95 16.19
N LYS A 106 -18.06 -19.06 16.51
CA LYS A 106 -18.83 -19.87 15.55
C LYS A 106 -17.90 -20.29 14.40
N GLN A 107 -16.65 -20.66 14.74
CA GLN A 107 -15.62 -21.19 13.81
C GLN A 107 -15.00 -20.08 12.95
N HIS A 108 -15.26 -18.80 13.23
CA HIS A 108 -14.59 -17.64 12.58
C HIS A 108 -13.42 -17.17 13.45
N LEU A 109 -12.22 -17.03 12.87
CA LEU A 109 -11.07 -16.36 13.49
C LEU A 109 -11.36 -14.85 13.52
N CYS A 110 -11.36 -14.25 14.72
CA CYS A 110 -11.62 -12.81 14.95
C CYS A 110 -10.38 -12.15 15.55
N LEU A 111 -9.84 -11.11 14.88
CA LEU A 111 -8.73 -10.27 15.41
C LEU A 111 -9.30 -8.98 15.99
N VAL A 112 -8.91 -8.66 17.23
CA VAL A 112 -9.36 -7.43 17.96
C VAL A 112 -8.23 -6.40 17.87
N PHE A 113 -8.53 -5.25 17.26
CA PHE A 113 -7.56 -4.16 17.00
C PHE A 113 -7.97 -2.88 17.72
N GLU A 114 -7.01 -1.95 17.84
CA GLU A 114 -7.29 -0.55 18.24
C GLU A 114 -8.41 -0.01 17.34
N PRO A 115 -9.23 0.93 17.83
CA PRO A 115 -10.40 1.38 17.08
C PRO A 115 -10.01 2.37 15.98
N LEU A 116 -9.84 1.89 14.75
CA LEU A 116 -9.77 2.71 13.51
C LEU A 116 -10.85 2.16 12.56
N SER A 117 -11.50 3.00 11.78
CA SER A 117 -12.68 2.61 10.97
C SER A 117 -12.61 3.12 9.53
N MET A 118 -11.64 3.98 9.19
CA MET A 118 -11.48 4.60 7.85
C MET A 118 -10.11 4.24 7.28
N ASN A 119 -10.03 3.83 6.02
CA ASN A 119 -8.75 3.71 5.27
C ASN A 119 -8.60 4.96 4.39
N LEU A 120 -7.41 5.19 3.84
CA LEU A 120 -7.09 6.45 3.12
C LEU A 120 -7.80 6.48 1.77
N ARG A 121 -8.20 5.33 1.21
CA ARG A 121 -9.05 5.26 -0.02
C ARG A 121 -10.38 5.95 0.28
N GLU A 122 -11.02 5.57 1.38
CA GLU A 122 -12.35 6.08 1.81
C GLU A 122 -12.25 7.58 2.12
N VAL A 123 -11.12 8.00 2.71
CA VAL A 123 -10.87 9.43 3.04
C VAL A 123 -10.82 10.23 1.73
N LEU A 124 -10.05 9.76 0.75
CA LEU A 124 -9.95 10.41 -0.60
C LEU A 124 -11.33 10.49 -1.24
N LYS A 125 -12.15 9.43 -1.17
CA LYS A 125 -13.53 9.40 -1.74
C LYS A 125 -14.41 10.45 -1.07
N LYS A 126 -14.31 10.61 0.26
CA LYS A 126 -15.11 11.62 1.01
C LYS A 126 -14.60 13.03 0.68
N TYR A 127 -13.34 13.32 1.02
CA TYR A 127 -12.67 14.63 0.76
C TYR A 127 -12.31 14.73 -0.72
N GLY A 128 -13.32 14.79 -1.59
CA GLY A 128 -13.20 15.02 -3.05
C GLY A 128 -13.35 13.75 -3.88
N LYS A 129 -12.98 13.80 -5.15
CA LYS A 129 -12.97 12.65 -6.10
C LYS A 129 -11.57 12.53 -6.72
N ASP A 130 -11.29 13.27 -7.80
CA ASP A 130 -9.92 13.43 -8.37
C ASP A 130 -9.28 14.68 -7.75
N VAL A 131 -9.45 14.86 -6.44
CA VAL A 131 -9.18 16.12 -5.70
C VAL A 131 -7.83 16.00 -4.97
N GLY A 132 -7.76 15.16 -3.93
CA GLY A 132 -6.56 14.96 -3.10
C GLY A 132 -6.66 15.68 -1.76
N LEU A 133 -5.72 15.40 -0.85
CA LEU A 133 -5.68 15.98 0.51
C LEU A 133 -4.78 17.21 0.52
N HIS A 134 -4.93 18.07 1.53
CA HIS A 134 -4.07 19.26 1.80
C HIS A 134 -2.62 18.80 1.91
N ILE A 135 -1.68 19.56 1.34
CA ILE A 135 -0.22 19.24 1.28
C ILE A 135 0.34 19.08 2.70
N LYS A 136 -0.21 19.79 3.69
CA LYS A 136 0.18 19.70 5.12
C LYS A 136 -0.12 18.28 5.64
N ALA A 137 -1.27 17.73 5.27
CA ALA A 137 -1.70 16.35 5.65
C ALA A 137 -0.78 15.31 4.99
N VAL A 138 -0.44 15.51 3.71
CA VAL A 138 0.42 14.57 2.92
C VAL A 138 1.81 14.55 3.55
N ARG A 139 2.34 15.72 3.93
CA ARG A 139 3.64 15.84 4.65
C ARG A 139 3.60 14.96 5.90
N SER A 140 2.61 15.18 6.77
CA SER A 140 2.44 14.46 8.05
C SER A 140 2.32 12.95 7.80
N TYR A 141 1.47 12.56 6.85
CA TYR A 141 1.24 11.13 6.48
C TYR A 141 2.53 10.51 5.90
N SER A 142 3.31 11.25 5.12
CA SER A 142 4.58 10.74 4.51
CA SER A 142 4.57 10.73 4.52
C SER A 142 5.56 10.35 5.62
N GLN A 143 5.72 11.20 6.62
CA GLN A 143 6.63 10.95 7.78
C GLN A 143 6.19 9.67 8.49
N GLN A 144 4.89 9.56 8.78
CA GLN A 144 4.30 8.41 9.51
C GLN A 144 4.51 7.11 8.72
N LEU A 145 4.38 7.17 7.39
CA LEU A 145 4.58 5.97 6.53
C LEU A 145 6.07 5.56 6.54
N PHE A 146 7.00 6.52 6.50
CA PHE A 146 8.46 6.25 6.51
C PHE A 146 8.85 5.62 7.85
N LEU A 147 8.20 6.04 8.94
CA LEU A 147 8.42 5.45 10.28
C LEU A 147 7.97 3.99 10.28
N ALA A 148 6.85 3.67 9.62
CA ALA A 148 6.35 2.29 9.46
C ALA A 148 7.37 1.47 8.66
N LEU A 149 7.91 2.01 7.57
CA LEU A 149 8.95 1.34 6.75
C LEU A 149 10.17 1.03 7.62
N LYS A 150 10.56 1.94 8.51
CA LYS A 150 11.73 1.76 9.41
C LYS A 150 11.50 0.54 10.30
N LEU A 151 10.32 0.43 10.93
CA LEU A 151 10.02 -0.70 11.84
C LEU A 151 10.03 -2.00 11.03
N LEU A 152 9.36 -2.01 9.87
CA LEU A 152 9.33 -3.16 8.94
C LEU A 152 10.77 -3.64 8.68
N LYS A 153 11.68 -2.70 8.36
CA LYS A 153 13.08 -3.01 8.00
C LYS A 153 13.82 -3.59 9.22
N ARG A 154 13.67 -2.97 10.40
CA ARG A 154 14.26 -3.45 11.69
C ARG A 154 13.75 -4.85 12.04
N CYS A 155 12.53 -5.20 11.62
CA CYS A 155 11.90 -6.51 11.90
C CYS A 155 12.16 -7.49 10.73
N ASN A 156 12.88 -7.05 9.70
CA ASN A 156 13.23 -7.87 8.51
C ASN A 156 11.94 -8.31 7.80
N ILE A 157 10.95 -7.42 7.71
CA ILE A 157 9.60 -7.73 7.16
C ILE A 157 9.35 -6.90 5.90
N LEU A 158 8.79 -7.55 4.88
CA LEU A 158 8.11 -6.88 3.72
C LEU A 158 6.61 -6.92 3.97
N HIS A 159 5.93 -5.76 3.98
CA HIS A 159 4.45 -5.68 3.97
C HIS A 159 3.93 -6.26 2.65
N ALA A 160 4.45 -5.73 1.54
CA ALA A 160 4.24 -6.23 0.16
C ALA A 160 2.79 -6.02 -0.29
N ASP A 161 2.07 -5.07 0.31
CA ASP A 161 0.73 -4.63 -0.19
C ASP A 161 0.39 -3.25 0.36
N ILE A 162 1.36 -2.32 0.34
CA ILE A 162 1.12 -0.92 0.77
C ILE A 162 0.36 -0.19 -0.33
N LYS A 163 -0.75 0.43 0.07
CA LYS A 163 -1.70 1.20 -0.79
C LYS A 163 -2.71 1.86 0.14
N PRO A 164 -3.45 2.88 -0.32
CA PRO A 164 -4.40 3.61 0.53
C PRO A 164 -5.38 2.72 1.30
N ASP A 165 -5.80 1.59 0.70
CA ASP A 165 -6.79 0.64 1.27
C ASP A 165 -6.24 0.02 2.56
N ASN A 166 -4.92 -0.14 2.67
CA ASN A 166 -4.23 -0.84 3.79
C ASN A 166 -3.57 0.18 4.73
N ILE A 167 -4.01 1.43 4.67
CA ILE A 167 -3.58 2.50 5.61
C ILE A 167 -4.82 3.04 6.30
N LEU A 168 -4.91 2.86 7.63
CA LEU A 168 -6.07 3.31 8.45
C LEU A 168 -5.75 4.67 9.07
N VAL A 169 -6.77 5.48 9.35
CA VAL A 169 -6.63 6.80 10.03
C VAL A 169 -7.60 6.87 11.20
N ASN A 170 -7.24 7.62 12.24
CA ASN A 170 -8.07 7.87 13.44
C ASN A 170 -9.17 8.89 13.08
N GLU A 171 -10.13 9.07 13.99
CA GLU A 171 -11.33 9.93 13.82
C GLU A 171 -10.88 11.30 13.27
N SER A 172 -9.93 11.95 13.93
CA SER A 172 -9.44 13.32 13.58
C SER A 172 -8.53 13.27 12.36
N LYS A 173 -8.19 12.06 11.88
CA LYS A 173 -7.39 11.82 10.65
C LYS A 173 -6.00 12.42 10.84
N THR A 174 -5.52 12.44 12.09
CA THR A 174 -4.19 12.99 12.49
C THR A 174 -3.14 11.87 12.47
N ILE A 175 -3.54 10.63 12.74
CA ILE A 175 -2.63 9.46 12.87
C ILE A 175 -3.06 8.39 11.86
N LEU A 176 -2.10 7.85 11.10
CA LEU A 176 -2.33 6.65 10.27
C LEU A 176 -1.59 5.44 10.85
N LYS A 177 -2.12 4.25 10.56
CA LYS A 177 -1.53 2.94 10.90
C LYS A 177 -1.55 2.07 9.64
N LEU A 178 -0.40 1.49 9.31
CA LEU A 178 -0.30 0.42 8.29
C LEU A 178 -1.03 -0.82 8.81
N CYS A 179 -1.93 -1.41 8.01
CA CYS A 179 -2.69 -2.63 8.39
C CYS A 179 -2.58 -3.70 7.30
N ASP A 180 -3.22 -4.85 7.58
CA ASP A 180 -3.31 -6.05 6.71
C ASP A 180 -1.91 -6.59 6.37
N PHE A 181 -1.41 -7.50 7.22
CA PHE A 181 -0.09 -8.17 7.05
C PHE A 181 -0.32 -9.58 6.48
N GLY A 182 -1.42 -9.78 5.74
CA GLY A 182 -1.78 -11.06 5.11
C GLY A 182 -0.87 -11.42 3.96
N SER A 183 -0.23 -10.42 3.32
CA SER A 183 0.72 -10.59 2.19
C SER A 183 2.17 -10.49 2.67
N ALA A 184 2.41 -10.22 3.96
CA ALA A 184 3.75 -9.96 4.52
C ALA A 184 4.63 -11.21 4.41
N SER A 185 5.95 -11.02 4.42
CA SER A 185 6.95 -12.11 4.52
C SER A 185 8.20 -11.59 5.23
N HIS A 186 9.01 -12.50 5.79
CA HIS A 186 10.41 -12.21 6.20
C HIS A 186 11.24 -12.03 4.93
N VAL A 187 12.22 -11.13 4.97
CA VAL A 187 12.98 -10.63 3.78
C VAL A 187 13.72 -11.79 3.08
N ALA A 188 14.02 -12.88 3.79
CA ALA A 188 14.83 -14.01 3.29
C ALA A 188 14.09 -14.82 2.22
N ASP A 189 12.85 -15.24 2.50
CA ASP A 189 12.11 -16.27 1.73
C ASP A 189 11.38 -15.59 0.56
N ASN A 190 12.13 -15.14 -0.44
CA ASN A 190 11.62 -14.32 -1.57
C ASN A 190 11.15 -15.25 -2.70
N ASP A 191 9.87 -15.63 -2.66
CA ASP A 191 9.12 -16.19 -3.81
C ASP A 191 9.39 -15.29 -5.01
N ILE A 192 10.13 -15.78 -6.01
CA ILE A 192 10.32 -15.08 -7.31
C ILE A 192 8.98 -15.15 -8.07
N THR A 193 8.06 -14.23 -7.75
CA THR A 193 6.72 -14.09 -8.38
C THR A 193 6.59 -12.67 -8.93
N PRO A 194 6.08 -12.50 -10.17
CA PRO A 194 5.86 -11.17 -10.73
C PRO A 194 4.55 -10.51 -10.25
N PTR A 195 3.75 -11.20 -9.43
CA PTR A 195 2.42 -10.76 -8.96
C PTR A 195 2.43 -10.31 -7.49
O PTR A 195 1.34 -10.08 -6.95
CB PTR A 195 1.39 -11.88 -9.15
CG PTR A 195 1.33 -12.36 -10.57
CD1 PTR A 195 1.17 -11.45 -11.61
CD2 PTR A 195 1.47 -13.70 -10.88
CE1 PTR A 195 1.13 -11.87 -12.93
CE2 PTR A 195 1.43 -14.14 -12.19
CZ PTR A 195 1.25 -13.23 -13.20
OH PTR A 195 1.21 -13.66 -14.52
P PTR A 195 -0.01 -13.43 -15.49
O1P PTR A 195 -1.27 -14.04 -14.90
O2P PTR A 195 0.34 -14.11 -16.79
O3P PTR A 195 -0.17 -11.95 -15.68
N LEU A 196 3.61 -10.20 -6.86
CA LEU A 196 3.71 -9.67 -5.48
C LEU A 196 3.31 -8.19 -5.51
N VAL A 197 2.50 -7.76 -4.53
CA VAL A 197 1.98 -6.36 -4.37
C VAL A 197 0.82 -6.15 -5.35
N SER A 198 -0.23 -5.44 -4.92
CA SER A 198 -1.33 -4.96 -5.77
C SER A 198 -0.72 -4.23 -6.98
N ARG A 199 -1.18 -4.57 -8.19
CA ARG A 199 -0.49 -4.27 -9.48
C ARG A 199 -0.11 -2.79 -9.57
N PHE A 200 -1.02 -1.88 -9.24
CA PHE A 200 -0.83 -0.40 -9.40
C PHE A 200 0.35 0.08 -8.54
N TYR A 201 0.67 -0.64 -7.47
CA TYR A 201 1.64 -0.24 -6.41
C TYR A 201 2.89 -1.13 -6.48
N ARG A 202 3.01 -1.92 -7.55
CA ARG A 202 4.01 -3.02 -7.71
C ARG A 202 5.28 -2.46 -8.35
N ALA A 203 6.42 -2.66 -7.71
CA ALA A 203 7.74 -2.11 -8.11
C ALA A 203 8.24 -2.84 -9.36
N PRO A 204 9.05 -2.17 -10.21
CA PRO A 204 9.52 -2.77 -11.46
C PRO A 204 10.44 -3.99 -11.23
N GLU A 205 11.17 -4.06 -10.11
CA GLU A 205 12.08 -5.21 -9.82
C GLU A 205 11.24 -6.48 -9.67
N ILE A 206 10.03 -6.37 -9.12
CA ILE A 206 9.08 -7.52 -8.97
C ILE A 206 8.70 -8.01 -10.37
N ILE A 207 8.29 -7.08 -11.22
CA ILE A 207 7.70 -7.38 -12.56
C ILE A 207 8.75 -8.08 -13.45
N ILE A 208 9.99 -7.57 -13.49
CA ILE A 208 11.05 -8.13 -14.37
C ILE A 208 11.67 -9.39 -13.74
N GLY A 209 11.45 -9.63 -12.44
CA GLY A 209 11.94 -10.83 -11.74
C GLY A 209 13.40 -10.68 -11.31
N LYS A 210 13.75 -9.49 -10.83
CA LYS A 210 15.06 -9.14 -10.23
C LYS A 210 14.93 -9.32 -8.71
N SER A 211 16.04 -9.59 -8.02
CA SER A 211 16.10 -9.65 -6.53
C SER A 211 15.47 -8.38 -5.95
N TYR A 212 14.60 -8.53 -4.96
CA TYR A 212 13.87 -7.40 -4.32
C TYR A 212 13.93 -7.52 -2.80
N ASP A 213 13.64 -6.41 -2.11
CA ASP A 213 13.70 -6.33 -0.63
C ASP A 213 12.78 -5.19 -0.17
N TYR A 214 13.17 -4.48 0.89
CA TYR A 214 12.41 -3.38 1.54
C TYR A 214 12.05 -2.29 0.50
N GLY A 215 12.84 -2.18 -0.58
CA GLY A 215 12.63 -1.21 -1.67
C GLY A 215 11.24 -1.29 -2.30
N ILE A 216 10.62 -2.47 -2.32
CA ILE A 216 9.24 -2.65 -2.90
C ILE A 216 8.23 -1.88 -2.05
N ASP A 217 8.42 -1.80 -0.73
CA ASP A 217 7.50 -1.06 0.18
C ASP A 217 7.73 0.45 0.03
N MET A 218 8.98 0.89 -0.09
CA MET A 218 9.31 2.31 -0.38
C MET A 218 8.62 2.73 -1.69
N TRP A 219 8.74 1.91 -2.75
CA TRP A 219 8.09 2.17 -4.06
C TRP A 219 6.58 2.37 -3.86
N SER A 220 5.93 1.43 -3.19
CA SER A 220 4.48 1.44 -2.89
C SER A 220 4.09 2.73 -2.15
N VAL A 221 4.93 3.19 -1.21
CA VAL A 221 4.68 4.45 -0.45
C VAL A 221 4.75 5.65 -1.40
N GLY A 222 5.73 5.68 -2.31
CA GLY A 222 5.86 6.72 -3.34
C GLY A 222 4.59 6.84 -4.17
N CYS A 223 4.08 5.71 -4.69
CA CYS A 223 2.81 5.63 -5.46
C CYS A 223 1.66 6.18 -4.61
N THR A 224 1.63 5.82 -3.32
CA THR A 224 0.56 6.21 -2.37
C THR A 224 0.58 7.74 -2.19
N LEU A 225 1.76 8.33 -2.00
CA LEU A 225 1.91 9.78 -1.69
C LEU A 225 1.41 10.63 -2.86
N TYR A 226 1.72 10.25 -4.09
CA TYR A 226 1.21 10.92 -5.31
C TYR A 226 -0.32 10.91 -5.30
N GLU A 227 -0.89 9.74 -5.00
CA GLU A 227 -2.35 9.49 -4.96
C GLU A 227 -3.01 10.30 -3.84
N LEU A 228 -2.32 10.49 -2.71
CA LEU A 228 -2.87 11.22 -1.55
C LEU A 228 -3.04 12.71 -1.90
N TYR A 229 -2.15 13.27 -2.72
CA TYR A 229 -2.18 14.72 -3.08
C TYR A 229 -3.03 14.98 -4.33
N THR A 230 -3.05 14.07 -5.31
CA THR A 230 -3.79 14.25 -6.60
C THR A 230 -5.19 13.62 -6.51
N GLY A 231 -5.37 12.60 -5.67
CA GLY A 231 -6.57 11.75 -5.63
C GLY A 231 -6.58 10.77 -6.80
N LYS A 232 -5.45 10.62 -7.50
CA LYS A 232 -5.34 9.79 -8.73
C LYS A 232 -4.26 8.73 -8.53
N ILE A 233 -4.56 7.49 -8.91
CA ILE A 233 -3.59 6.36 -8.98
C ILE A 233 -2.45 6.79 -9.91
N LEU A 234 -1.19 6.70 -9.45
CA LEU A 234 -0.01 7.17 -10.23
C LEU A 234 0.13 6.33 -11.50
N PHE A 235 0.11 5.01 -11.36
CA PHE A 235 0.37 4.02 -12.44
C PHE A 235 -0.80 3.05 -12.54
N PRO A 236 -1.92 3.45 -13.18
CA PRO A 236 -3.10 2.59 -13.31
C PRO A 236 -2.97 1.58 -14.45
N GLY A 237 -1.89 0.79 -14.45
CA GLY A 237 -1.57 -0.20 -15.51
C GLY A 237 -2.55 -1.36 -15.51
N LYS A 238 -2.91 -1.86 -16.68
CA LYS A 238 -3.90 -2.96 -16.88
C LYS A 238 -3.19 -4.30 -16.69
N THR A 239 -1.88 -4.34 -16.94
CA THR A 239 -1.03 -5.56 -16.88
C THR A 239 0.35 -5.16 -16.39
N ASN A 240 1.21 -6.15 -16.13
CA ASN A 240 2.63 -5.97 -15.75
C ASN A 240 3.37 -5.20 -16.84
N ASN A 241 3.22 -5.60 -18.11
CA ASN A 241 3.85 -4.90 -19.27
C ASN A 241 3.44 -3.42 -19.27
N HIS A 242 2.16 -3.12 -19.03
CA HIS A 242 1.63 -1.72 -19.01
C HIS A 242 2.26 -0.95 -17.85
N MET A 243 2.33 -1.55 -16.66
CA MET A 243 2.96 -0.97 -15.45
C MET A 243 4.38 -0.51 -15.78
N LEU A 244 5.16 -1.34 -16.48
CA LEU A 244 6.57 -1.01 -16.87
C LEU A 244 6.56 0.19 -17.81
N LYS A 245 5.68 0.20 -18.81
CA LYS A 245 5.55 1.32 -19.77
C LYS A 245 5.29 2.62 -18.98
N LEU A 246 4.35 2.60 -18.03
CA LEU A 246 3.96 3.80 -17.25
C LEU A 246 5.12 4.26 -16.37
N ALA A 247 5.86 3.32 -15.75
CA ALA A 247 7.06 3.62 -14.95
C ALA A 247 8.10 4.29 -15.85
N MET A 248 8.32 3.74 -17.05
CA MET A 248 9.36 4.22 -18.00
C MET A 248 8.92 5.54 -18.67
N ASP A 249 7.63 5.84 -18.71
CA ASP A 249 7.10 7.15 -19.16
C ASP A 249 7.58 8.25 -18.20
N LEU A 250 7.82 7.91 -16.93
CA LEU A 250 8.34 8.86 -15.91
C LEU A 250 9.87 8.92 -15.98
N LYS A 251 10.55 7.76 -15.92
CA LYS A 251 12.02 7.67 -15.66
C LYS A 251 12.80 7.36 -16.94
N GLY A 252 12.13 7.05 -18.05
CA GLY A 252 12.79 6.54 -19.27
C GLY A 252 13.06 5.05 -19.16
N LYS A 253 13.75 4.47 -20.15
CA LYS A 253 13.90 3.00 -20.28
C LYS A 253 14.62 2.46 -19.04
N MET A 254 14.15 1.31 -18.55
CA MET A 254 14.83 0.53 -17.48
C MET A 254 16.30 0.36 -17.85
N PRO A 255 17.25 0.60 -16.92
CA PRO A 255 18.66 0.41 -17.22
C PRO A 255 18.98 -1.01 -17.69
N ASN A 256 19.92 -1.13 -18.63
CA ASN A 256 20.31 -2.41 -19.28
C ASN A 256 20.76 -3.43 -18.22
N LYS A 257 21.61 -3.02 -17.26
CA LYS A 257 22.10 -3.89 -16.17
C LYS A 257 20.91 -4.52 -15.45
N MET A 258 19.87 -3.74 -15.15
CA MET A 258 18.68 -4.19 -14.40
C MET A 258 17.86 -5.17 -15.26
N ILE A 259 17.66 -4.88 -16.55
CA ILE A 259 16.90 -5.75 -17.49
C ILE A 259 17.53 -7.15 -17.51
N ARG A 260 18.85 -7.21 -17.68
CA ARG A 260 19.60 -8.49 -17.89
C ARG A 260 19.51 -9.37 -16.64
N LYS A 261 19.33 -8.78 -15.46
CA LYS A 261 19.19 -9.52 -14.17
C LYS A 261 17.81 -10.16 -14.05
N GLY A 262 16.81 -9.61 -14.76
CA GLY A 262 15.39 -10.01 -14.64
C GLY A 262 15.13 -11.40 -15.19
N VAL A 263 14.58 -12.28 -14.35
CA VAL A 263 14.15 -13.67 -14.69
C VAL A 263 13.02 -13.63 -15.72
N PHE A 264 12.23 -12.55 -15.74
CA PHE A 264 11.05 -12.37 -16.64
C PHE A 264 11.35 -11.34 -17.73
N LYS A 265 12.64 -11.08 -18.00
CA LYS A 265 13.08 -10.04 -18.98
C LYS A 265 12.48 -10.33 -20.38
N ASP A 266 12.35 -11.61 -20.76
CA ASP A 266 11.95 -12.05 -22.13
C ASP A 266 10.45 -11.82 -22.36
N GLN A 267 9.68 -11.56 -21.31
CA GLN A 267 8.23 -11.23 -21.40
C GLN A 267 8.06 -9.76 -21.81
N HIS A 268 9.10 -8.94 -21.66
CA HIS A 268 9.02 -7.46 -21.70
C HIS A 268 10.04 -6.84 -22.67
N PHE A 269 11.21 -7.47 -22.86
CA PHE A 269 12.32 -6.91 -23.67
C PHE A 269 12.82 -7.96 -24.67
N ASP A 270 13.25 -7.52 -25.85
CA ASP A 270 13.80 -8.39 -26.93
C ASP A 270 15.30 -8.58 -26.70
N GLN A 271 15.96 -9.33 -27.58
CA GLN A 271 17.39 -9.70 -27.48
C GLN A 271 18.27 -8.45 -27.39
N ASN A 272 17.86 -7.33 -28.00
CA ASN A 272 18.64 -6.07 -28.07
C ASN A 272 18.19 -5.10 -26.97
N LEU A 273 17.42 -5.58 -25.99
CA LEU A 273 16.91 -4.82 -24.80
C LEU A 273 15.92 -3.73 -25.23
N ASN A 274 15.31 -3.85 -26.42
CA ASN A 274 14.17 -3.01 -26.83
C ASN A 274 12.94 -3.44 -26.04
N PHE A 275 12.13 -2.49 -25.57
CA PHE A 275 10.86 -2.77 -24.84
C PHE A 275 9.82 -3.27 -25.83
N MET A 276 9.13 -4.36 -25.48
CA MET A 276 8.03 -4.94 -26.30
C MET A 276 6.69 -4.54 -25.68
N TYR A 277 6.17 -3.37 -26.07
CA TYR A 277 4.94 -2.74 -25.54
C TYR A 277 3.72 -3.44 -26.16
N ILE A 278 2.94 -4.13 -25.33
CA ILE A 278 1.62 -4.71 -25.72
C ILE A 278 0.57 -3.61 -25.62
N GLU A 279 -0.17 -3.37 -26.71
CA GLU A 279 -1.29 -2.41 -26.74
C GLU A 279 -2.56 -3.13 -27.18
N VAL A 280 -3.68 -2.83 -26.53
CA VAL A 280 -5.05 -3.22 -26.99
C VAL A 280 -5.46 -2.21 -28.08
N ASP A 281 -5.52 -2.66 -29.34
CA ASP A 281 -5.89 -1.83 -30.52
C ASP A 281 -7.22 -1.14 -30.25
N LYS A 282 -7.32 0.16 -30.58
CA LYS A 282 -8.57 0.95 -30.45
C LYS A 282 -9.69 0.22 -31.20
N VAL A 283 -9.45 -0.12 -32.47
CA VAL A 283 -10.43 -0.69 -33.44
C VAL A 283 -10.87 -2.08 -32.98
N THR A 284 -9.97 -3.06 -33.06
CA THR A 284 -10.18 -4.46 -32.63
C THR A 284 -9.95 -4.52 -31.12
N GLU A 285 -10.57 -5.47 -30.42
CA GLU A 285 -10.33 -5.68 -28.97
C GLU A 285 -9.03 -6.49 -28.78
N ARG A 286 -8.14 -6.51 -29.78
CA ARG A 286 -6.98 -7.45 -29.86
C ARG A 286 -5.68 -6.77 -29.40
N GLU A 287 -4.79 -7.56 -28.80
CA GLU A 287 -3.43 -7.12 -28.41
C GLU A 287 -2.52 -7.13 -29.64
N LYS A 288 -1.64 -6.12 -29.72
CA LYS A 288 -0.52 -6.07 -30.70
C LYS A 288 0.74 -5.67 -29.93
N VAL A 289 1.92 -5.85 -30.55
CA VAL A 289 3.23 -5.50 -29.94
C VAL A 289 3.86 -4.37 -30.78
N THR A 290 4.46 -3.40 -30.10
CA THR A 290 5.27 -2.31 -30.68
C THR A 290 6.66 -2.36 -30.01
N VAL A 291 7.71 -2.60 -30.80
CA VAL A 291 9.12 -2.62 -30.31
C VAL A 291 9.60 -1.17 -30.18
N MET A 292 10.03 -0.78 -28.98
CA MET A 292 10.52 0.58 -28.66
C MET A 292 11.96 0.47 -28.14
N SER A 293 12.92 0.99 -28.90
CA SER A 293 14.35 1.08 -28.50
C SER A 293 14.52 2.21 -27.46
N THR A 294 13.66 3.23 -27.53
CA THR A 294 13.64 4.41 -26.61
C THR A 294 12.27 4.51 -25.96
N ILE A 295 12.24 4.95 -24.69
CA ILE A 295 11.03 5.55 -24.05
C ILE A 295 11.43 6.93 -23.53
N ASN A 296 10.99 7.99 -24.21
CA ASN A 296 11.27 9.38 -23.80
C ASN A 296 10.42 9.68 -22.57
N PRO A 297 11.02 10.15 -21.45
CA PRO A 297 10.24 10.59 -20.29
C PRO A 297 9.23 11.67 -20.71
N THR A 298 7.94 11.41 -20.50
CA THR A 298 6.82 12.33 -20.82
C THR A 298 5.97 12.64 -19.58
N LYS A 299 5.98 11.77 -18.56
CA LYS A 299 5.19 11.97 -17.32
C LYS A 299 5.69 13.24 -16.61
N ASP A 300 4.84 14.27 -16.58
CA ASP A 300 5.13 15.60 -15.99
C ASP A 300 4.59 15.63 -14.56
N LEU A 301 5.39 15.13 -13.61
CA LEU A 301 4.98 14.89 -12.20
C LEU A 301 4.57 16.22 -11.55
N LEU A 302 5.39 17.27 -11.70
CA LEU A 302 5.17 18.60 -11.08
C LEU A 302 3.82 19.16 -11.55
N ALA A 303 3.56 19.14 -12.86
CA ALA A 303 2.30 19.60 -13.48
C ALA A 303 1.12 18.75 -12.98
N ASP A 304 1.35 17.45 -12.78
CA ASP A 304 0.33 16.50 -12.26
C ASP A 304 -0.07 16.90 -10.83
N LEU A 305 0.91 17.13 -9.96
CA LEU A 305 0.70 17.41 -8.51
C LEU A 305 -0.08 18.72 -8.36
N ILE A 306 0.38 19.78 -9.02
CA ILE A 306 -0.38 21.05 -9.18
C ILE A 306 -1.53 20.75 -10.15
N GLY A 307 -2.78 20.98 -9.75
CA GLY A 307 -3.96 20.64 -10.56
C GLY A 307 -4.45 21.83 -11.38
N CYS A 308 -3.53 22.50 -12.08
CA CYS A 308 -3.75 23.84 -12.68
C CYS A 308 -4.37 24.77 -11.62
N GLN A 309 -4.04 24.53 -10.34
CA GLN A 309 -4.66 25.18 -9.15
C GLN A 309 -3.74 26.29 -8.65
N ARG A 310 -4.33 27.36 -8.09
CA ARG A 310 -3.63 28.51 -7.49
C ARG A 310 -3.41 28.26 -6.00
N LEU A 311 -2.16 28.00 -5.60
CA LEU A 311 -1.74 27.70 -4.21
C LEU A 311 -1.06 28.93 -3.60
N PRO A 312 -1.16 29.15 -2.27
CA PRO A 312 -0.24 30.05 -1.58
C PRO A 312 1.19 29.54 -1.72
N GLU A 313 2.18 30.44 -1.74
CA GLU A 313 3.60 30.13 -2.08
C GLU A 313 4.17 29.08 -1.12
N ASP A 314 3.81 29.14 0.16
CA ASP A 314 4.28 28.19 1.20
C ASP A 314 3.90 26.76 0.77
N GLN A 315 2.65 26.55 0.30
CA GLN A 315 2.14 25.24 -0.19
C GLN A 315 2.82 24.88 -1.51
N ARG A 316 3.06 25.88 -2.38
CA ARG A 316 3.75 25.70 -3.70
C ARG A 316 5.16 25.14 -3.46
N LYS A 317 5.88 25.70 -2.50
CA LYS A 317 7.23 25.24 -2.07
C LYS A 317 7.15 23.74 -1.71
N LYS A 318 6.17 23.36 -0.89
CA LYS A 318 6.00 21.97 -0.37
C LYS A 318 5.70 21.00 -1.52
N VAL A 319 4.94 21.42 -2.54
CA VAL A 319 4.55 20.55 -3.67
C VAL A 319 5.80 20.23 -4.51
N HIS A 320 6.64 21.24 -4.79
CA HIS A 320 7.96 21.08 -5.45
C HIS A 320 8.83 20.07 -4.68
N GLN A 321 8.83 20.16 -3.35
CA GLN A 321 9.64 19.27 -2.46
C GLN A 321 9.08 17.83 -2.53
N LEU A 322 7.75 17.68 -2.46
CA LEU A 322 7.09 16.37 -2.65
C LEU A 322 7.53 15.76 -3.99
N LYS A 323 7.55 16.59 -5.04
CA LYS A 323 7.93 16.16 -6.41
C LYS A 323 9.36 15.62 -6.38
N ASP A 324 10.29 16.35 -5.75
CA ASP A 324 11.70 15.92 -5.62
C ASP A 324 11.76 14.59 -4.87
N LEU A 325 11.02 14.47 -3.77
CA LEU A 325 10.96 13.23 -2.95
C LEU A 325 10.46 12.07 -3.83
N LEU A 326 9.42 12.30 -4.62
CA LEU A 326 8.83 11.26 -5.51
C LEU A 326 9.87 10.84 -6.57
N ASP A 327 10.62 11.79 -7.11
CA ASP A 327 11.71 11.51 -8.10
C ASP A 327 12.73 10.54 -7.47
N GLN A 328 13.01 10.69 -6.17
CA GLN A 328 14.05 9.90 -5.45
C GLN A 328 13.47 8.54 -5.04
N ILE A 329 12.17 8.46 -4.76
CA ILE A 329 11.48 7.18 -4.42
C ILE A 329 11.31 6.33 -5.68
N LEU A 330 10.94 6.95 -6.80
CA LEU A 330 10.42 6.21 -8.00
C LEU A 330 11.57 5.96 -9.00
N MET A 331 12.81 5.84 -8.50
CA MET A 331 13.95 5.30 -9.28
C MET A 331 13.63 3.84 -9.62
N LEU A 332 13.82 3.45 -10.88
CA LEU A 332 13.50 2.09 -11.40
C LEU A 332 14.41 1.06 -10.71
N ASP A 333 15.71 1.38 -10.57
CA ASP A 333 16.72 0.50 -9.93
C ASP A 333 16.60 0.64 -8.42
N PRO A 334 16.18 -0.41 -7.67
CA PRO A 334 16.01 -0.31 -6.22
C PRO A 334 17.29 0.11 -5.49
N ALA A 335 18.46 -0.22 -6.06
CA ALA A 335 19.80 0.15 -5.55
C ALA A 335 20.01 1.67 -5.57
N LYS A 336 19.33 2.38 -6.49
CA LYS A 336 19.47 3.85 -6.69
C LYS A 336 18.34 4.59 -5.96
N ARG A 337 17.44 3.86 -5.29
CA ARG A 337 16.22 4.41 -4.65
C ARG A 337 16.60 5.02 -3.29
N ILE A 338 15.94 6.13 -2.92
CA ILE A 338 16.15 6.83 -1.62
C ILE A 338 15.95 5.85 -0.46
N SER A 339 16.81 5.92 0.56
CA SER A 339 16.72 5.14 1.82
C SER A 339 15.62 5.72 2.72
N ILE A 340 15.14 4.94 3.68
CA ILE A 340 14.12 5.38 4.67
C ILE A 340 14.68 6.58 5.44
N ASN A 341 15.95 6.52 5.84
CA ASN A 341 16.65 7.59 6.61
C ASN A 341 16.66 8.90 5.79
N GLN A 342 17.13 8.83 4.54
CA GLN A 342 17.17 9.98 3.60
C GLN A 342 15.75 10.53 3.38
N ALA A 343 14.75 9.66 3.28
CA ALA A 343 13.32 10.03 3.08
C ALA A 343 12.85 10.86 4.29
N LEU A 344 13.13 10.40 5.50
CA LEU A 344 12.72 11.08 6.77
C LEU A 344 13.40 12.44 6.89
N GLN A 345 14.63 12.58 6.36
CA GLN A 345 15.45 13.82 6.43
C GLN A 345 15.15 14.74 5.24
N HIS A 346 14.24 14.35 4.34
CA HIS A 346 13.97 15.11 3.09
C HIS A 346 13.34 16.47 3.44
N ALA A 347 13.63 17.49 2.62
CA ALA A 347 13.15 18.88 2.77
C ALA A 347 11.62 18.88 2.92
N PHE A 348 10.90 18.07 2.13
CA PHE A 348 9.42 17.97 2.15
C PHE A 348 8.93 17.79 3.59
N ILE A 349 9.60 16.93 4.36
CA ILE A 349 9.22 16.57 5.76
C ILE A 349 9.90 17.52 6.76
N GLN A 350 11.13 17.97 6.47
CA GLN A 350 11.97 18.73 7.43
C GLN A 350 11.64 20.23 7.40
N GLU A 351 11.43 20.80 6.21
CA GLU A 351 11.16 22.26 6.03
C GLU A 351 9.66 22.53 6.19
S SO4 B . -1.98 -9.00 -11.83
O1 SO4 B . -1.56 -9.19 -10.47
O2 SO4 B . -0.89 -8.48 -12.61
O3 SO4 B . -3.08 -8.09 -11.87
O4 SO4 B . -2.40 -10.27 -12.38
C1 OND C . -7.21 -5.35 7.43
C2 OND C . -7.99 -4.45 8.32
O1 OND C . -6.40 -6.12 7.95
C3 OND C . -8.93 -3.53 7.98
C4 OND C . -9.42 -2.77 9.12
N1 OND C . -7.44 -5.29 6.14
C5 OND C . -10.35 -1.72 9.17
N2 OND C . -13.44 -0.29 3.86
C6 OND C . -11.01 -1.23 7.95
S1 OND C . -11.75 -2.31 6.82
C7 OND C . -11.15 0.06 7.53
C8 OND C . -12.04 0.19 6.46
C9 OND C . -12.33 -1.00 5.85
C10 OND C . -13.00 -1.33 4.57
O2 OND C . -13.10 -2.49 4.20
C11 OND C . -13.77 -0.39 2.44
C12 OND C . -15.24 -0.61 2.19
C13 OND C . -15.79 -1.89 2.34
C14 OND C . -17.13 -2.12 2.11
C15 OND C . -17.95 -1.09 1.73
C16 OND C . -17.44 0.19 1.56
C17 OND C . -16.09 0.43 1.78
N3 OND C . -15.61 1.73 1.62
C18 OND C . -10.64 -1.16 10.40
C19 OND C . -10.04 -1.60 11.56
C20 OND C . -9.11 -2.63 11.54
C21 OND C . -8.81 -3.22 10.31
S2 OND C . -7.69 -4.50 10.04
#